data_6UID
#
_entry.id   6UID
#
_cell.length_a   48.086
_cell.length_b   48.086
_cell.length_c   235.509
_cell.angle_alpha   90.000
_cell.angle_beta   90.000
_cell.angle_gamma   120.000
#
_symmetry.space_group_name_H-M   'P 61 2 2'
#
loop_
_entity.id
_entity.type
_entity.pdbx_description
1 polymer 'EscD/YscD/HrpQ family type III secretion system inner membrane ring protein'
2 water water
#
_entity_poly.entity_id   1
_entity_poly.type   'polypeptide(L)'
_entity_poly.pdbx_seq_one_letter_code
;GSMAWKIRFYSGLNQGAEVSLGEGRVALGSDPLQADLVLLDEGIAAVHLVLEVDAQGVRLLEWAEGCEPRQDGQAQVAGA
ILQALAGQTCGPLRWTFCDPQRSFPERFPEAEVQTAPVRRKSSARAGG
;
_entity_poly.pdbx_strand_id   A
#
# COMPACT_ATOMS: atom_id res chain seq x y z
N MET A 3 -2.71 -18.72 -5.21
CA MET A 3 -2.08 -17.39 -5.44
C MET A 3 -1.04 -17.12 -4.38
N ALA A 4 -0.25 -16.06 -4.58
CA ALA A 4 1.01 -15.85 -3.89
C ALA A 4 0.90 -15.05 -2.61
N TRP A 5 0.09 -13.99 -2.64
CA TRP A 5 -0.02 -13.05 -1.54
C TRP A 5 -1.45 -12.55 -1.51
N LYS A 6 -1.83 -11.97 -0.38
CA LYS A 6 -3.11 -11.29 -0.28
C LYS A 6 -2.90 -9.90 0.30
N ILE A 7 -3.76 -8.96 -0.09
CA ILE A 7 -3.70 -7.57 0.33
C ILE A 7 -4.97 -7.22 1.07
N ARG A 8 -4.84 -6.40 2.11
CA ARG A 8 -5.98 -5.85 2.85
C ARG A 8 -5.88 -4.33 2.85
N PHE A 9 -7.01 -3.67 2.63
CA PHE A 9 -7.10 -2.22 2.65
C PHE A 9 -7.68 -1.71 3.95
N TYR A 10 -7.13 -0.59 4.45
CA TYR A 10 -7.50 0.03 5.72
C TYR A 10 -7.81 1.51 5.52
N SER A 11 -8.38 1.86 4.38
CA SER A 11 -8.68 3.25 4.11
C SER A 11 -9.79 3.36 3.07
N GLY A 12 -10.47 4.50 3.12
CA GLY A 12 -11.42 4.88 2.09
C GLY A 12 -12.62 3.97 2.03
N LEU A 13 -13.22 3.89 0.85
CA LEU A 13 -14.35 3.00 0.61
C LEU A 13 -13.93 1.56 0.43
N ASN A 14 -12.63 1.29 0.41
CA ASN A 14 -12.09 -0.05 0.37
C ASN A 14 -11.79 -0.61 1.75
N GLN A 15 -12.10 0.11 2.82
CA GLN A 15 -11.79 -0.36 4.17
C GLN A 15 -12.38 -1.74 4.41
N GLY A 16 -11.50 -2.68 4.77
CA GLY A 16 -11.89 -4.04 5.05
C GLY A 16 -11.82 -4.97 3.88
N ALA A 17 -11.63 -4.46 2.66
CA ALA A 17 -11.53 -5.31 1.49
C ALA A 17 -10.23 -6.11 1.50
N GLU A 18 -10.31 -7.35 1.02
CA GLU A 18 -9.19 -8.25 0.93
C GLU A 18 -9.19 -8.92 -0.44
N VAL A 19 -8.02 -9.05 -1.04
CA VAL A 19 -7.90 -9.56 -2.41
C VAL A 19 -6.66 -10.43 -2.48
N SER A 20 -6.76 -11.58 -3.13
CA SER A 20 -5.63 -12.44 -3.41
C SER A 20 -4.98 -12.04 -4.73
N LEU A 21 -3.65 -12.11 -4.79
CA LEU A 21 -2.88 -11.60 -5.90
C LEU A 21 -2.02 -12.72 -6.48
N GLY A 22 -2.10 -12.89 -7.79
CA GLY A 22 -1.19 -13.75 -8.52
C GLY A 22 0.10 -13.03 -8.84
N GLU A 23 0.89 -13.66 -9.71
CA GLU A 23 2.20 -13.12 -10.10
CA GLU A 23 2.20 -13.12 -10.09
C GLU A 23 2.04 -12.13 -11.24
N GLY A 24 2.68 -10.98 -11.10
CA GLY A 24 2.74 -9.98 -12.14
C GLY A 24 2.59 -8.57 -11.59
N ARG A 25 2.31 -7.66 -12.51
CA ARG A 25 2.13 -6.25 -12.21
CA ARG A 25 2.13 -6.25 -12.20
C ARG A 25 0.74 -6.02 -11.62
N VAL A 26 0.69 -5.22 -10.54
CA VAL A 26 -0.56 -4.83 -9.90
C VAL A 26 -0.60 -3.31 -9.78
N ALA A 27 -1.52 -2.68 -10.50
CA ALA A 27 -1.72 -1.24 -10.42
C ALA A 27 -2.95 -0.98 -9.57
N LEU A 28 -2.83 -0.05 -8.65
CA LEU A 28 -3.92 0.36 -7.78
C LEU A 28 -4.25 1.82 -8.08
N GLY A 29 -5.52 2.14 -8.20
CA GLY A 29 -5.87 3.51 -8.54
C GLY A 29 -7.36 3.68 -8.73
N SER A 30 -7.76 4.89 -9.10
CA SER A 30 -9.16 5.22 -9.23
C SER A 30 -9.72 5.05 -10.63
N ASP A 31 -8.87 4.81 -11.64
CA ASP A 31 -9.32 4.68 -13.02
C ASP A 31 -9.46 3.20 -13.36
N PRO A 32 -10.68 2.69 -13.59
CA PRO A 32 -10.83 1.26 -13.89
C PRO A 32 -10.21 0.82 -15.21
N LEU A 33 -9.91 1.74 -16.14
CA LEU A 33 -9.20 1.32 -17.35
C LEU A 33 -7.74 0.97 -17.07
N GLN A 34 -7.15 1.55 -16.02
CA GLN A 34 -5.72 1.44 -15.75
C GLN A 34 -5.41 0.67 -14.49
N ALA A 35 -6.38 0.40 -13.64
CA ALA A 35 -6.14 -0.16 -12.31
C ALA A 35 -6.66 -1.58 -12.21
N ASP A 36 -5.79 -2.47 -11.71
CA ASP A 36 -6.17 -3.84 -11.39
C ASP A 36 -7.01 -3.90 -10.12
N LEU A 37 -6.68 -3.05 -9.13
CA LEU A 37 -7.42 -2.91 -7.89
C LEU A 37 -7.94 -1.48 -7.88
N VAL A 38 -9.27 -1.32 -7.95
CA VAL A 38 -9.88 0.01 -8.00
C VAL A 38 -10.08 0.54 -6.59
N LEU A 39 -9.52 1.72 -6.33
CA LEU A 39 -9.54 2.35 -5.01
C LEU A 39 -10.40 3.58 -5.10
N LEU A 40 -11.34 3.71 -4.17
CA LEU A 40 -12.31 4.80 -4.12
C LEU A 40 -12.06 5.58 -2.84
N ASP A 41 -11.42 6.74 -2.97
CA ASP A 41 -11.11 7.59 -1.83
C ASP A 41 -10.68 8.95 -2.37
N GLU A 42 -10.85 9.98 -1.54
CA GLU A 42 -10.40 11.30 -1.95
C GLU A 42 -8.90 11.31 -2.09
N GLY A 43 -8.40 11.86 -3.20
CA GLY A 43 -6.97 11.99 -3.40
C GLY A 43 -6.30 10.80 -4.05
N ILE A 44 -7.04 9.79 -4.46
CA ILE A 44 -6.45 8.64 -5.15
C ILE A 44 -6.30 8.95 -6.63
N ALA A 45 -5.08 8.84 -7.13
CA ALA A 45 -4.79 9.11 -8.54
C ALA A 45 -5.32 7.99 -9.43
N ALA A 46 -5.44 8.30 -10.73
CA ALA A 46 -5.88 7.32 -11.71
C ALA A 46 -5.06 6.03 -11.61
N VAL A 47 -3.73 6.17 -11.56
CA VAL A 47 -2.82 5.11 -11.13
C VAL A 47 -2.07 5.66 -9.93
N HIS A 48 -2.38 5.13 -8.76
CA HIS A 48 -1.86 5.65 -7.51
C HIS A 48 -0.60 4.94 -7.04
N LEU A 49 -0.53 3.64 -7.26
CA LEU A 49 0.55 2.80 -6.78
C LEU A 49 0.68 1.60 -7.72
N VAL A 50 1.92 1.21 -8.05
CA VAL A 50 2.19 0.07 -8.90
C VAL A 50 3.17 -0.82 -8.16
N LEU A 51 2.81 -2.09 -8.04
CA LEU A 51 3.62 -3.13 -7.43
C LEU A 51 3.94 -4.22 -8.44
N GLU A 52 5.01 -4.95 -8.18
CA GLU A 52 5.34 -6.17 -8.90
C GLU A 52 5.32 -7.30 -7.89
N VAL A 53 4.49 -8.31 -8.16
CA VAL A 53 4.25 -9.41 -7.24
C VAL A 53 4.80 -10.70 -7.85
N ASP A 54 5.53 -11.47 -7.05
CA ASP A 54 5.92 -12.80 -7.47
C ASP A 54 5.88 -13.72 -6.26
N ALA A 55 6.25 -14.99 -6.45
CA ALA A 55 6.15 -15.93 -5.35
C ALA A 55 7.06 -15.56 -4.20
N GLN A 56 8.14 -14.83 -4.47
CA GLN A 56 9.11 -14.48 -3.44
C GLN A 56 8.75 -13.22 -2.67
N GLY A 57 7.94 -12.33 -3.23
CA GLY A 57 7.65 -11.11 -2.52
C GLY A 57 6.99 -10.05 -3.37
N VAL A 58 6.90 -8.86 -2.77
CA VAL A 58 6.20 -7.72 -3.34
C VAL A 58 7.18 -6.57 -3.45
N ARG A 59 7.31 -6.00 -4.65
CA ARG A 59 8.23 -4.92 -4.94
C ARG A 59 7.47 -3.65 -5.31
N LEU A 60 7.89 -2.52 -4.74
CA LEU A 60 7.35 -1.22 -5.06
C LEU A 60 7.98 -0.71 -6.36
N LEU A 61 7.14 -0.31 -7.31
CA LEU A 61 7.64 0.20 -8.60
C LEU A 61 7.42 1.69 -8.82
N GLU A 62 6.18 2.17 -8.66
CA GLU A 62 5.81 3.53 -9.06
C GLU A 62 4.67 4.00 -8.18
N TRP A 63 4.50 5.32 -8.13
CA TRP A 63 3.40 5.90 -7.37
C TRP A 63 3.07 7.31 -7.85
N ALA A 64 1.91 7.79 -7.42
CA ALA A 64 1.37 9.06 -7.87
C ALA A 64 2.20 10.25 -7.43
N GLU A 65 2.29 11.24 -8.32
CA GLU A 65 2.90 12.51 -7.98
C GLU A 65 2.19 13.13 -6.79
N GLY A 66 2.97 13.67 -5.86
CA GLY A 66 2.43 14.29 -4.69
C GLY A 66 2.30 13.38 -3.49
N CYS A 67 2.52 12.08 -3.68
CA CYS A 67 2.53 11.15 -2.57
C CYS A 67 3.93 10.56 -2.40
N GLU A 68 4.17 10.01 -1.22
CA GLU A 68 5.40 9.30 -0.92
C GLU A 68 5.03 7.97 -0.28
N PRO A 69 5.43 6.84 -0.84
CA PRO A 69 5.13 5.56 -0.20
C PRO A 69 5.99 5.40 1.05
N ARG A 70 5.34 4.93 2.12
CA ARG A 70 6.02 4.74 3.40
C ARG A 70 5.67 3.35 3.93
N GLN A 71 6.61 2.77 4.67
CA GLN A 71 6.43 1.50 5.32
C GLN A 71 6.74 1.74 6.80
N ASP A 72 5.73 1.62 7.64
CA ASP A 72 5.85 2.01 9.05
C ASP A 72 6.46 3.41 9.19
N GLY A 73 6.02 4.31 8.33
CA GLY A 73 6.41 5.70 8.35
C GLY A 73 7.70 6.03 7.61
N GLN A 74 8.49 5.03 7.20
CA GLN A 74 9.76 5.28 6.55
C GLN A 74 9.55 5.32 5.04
N ALA A 75 10.01 6.42 4.42
CA ALA A 75 9.86 6.56 2.97
C ALA A 75 10.60 5.45 2.26
N GLN A 76 9.96 4.93 1.23
CA GLN A 76 10.50 3.86 0.40
C GLN A 76 10.86 4.40 -0.97
N VAL A 77 11.80 3.74 -1.62
CA VAL A 77 12.23 4.11 -2.97
C VAL A 77 11.80 3.03 -3.96
N ALA A 78 11.79 3.42 -5.23
CA ALA A 78 11.46 2.47 -6.29
C ALA A 78 12.41 1.28 -6.23
N GLY A 79 11.83 0.09 -6.34
CA GLY A 79 12.57 -1.13 -6.33
C GLY A 79 12.61 -1.82 -4.99
N ALA A 80 12.13 -1.15 -3.95
CA ALA A 80 12.18 -1.72 -2.62
C ALA A 80 11.31 -2.97 -2.51
N ILE A 81 11.79 -3.96 -1.77
CA ILE A 81 11.00 -5.11 -1.38
C ILE A 81 10.28 -4.75 -0.09
N LEU A 82 8.97 -4.86 -0.11
CA LEU A 82 8.13 -4.49 1.03
C LEU A 82 7.95 -5.69 1.95
N GLN A 83 7.70 -5.40 3.24
CA GLN A 83 7.62 -6.42 4.26
C GLN A 83 6.17 -6.79 4.59
N ALA A 84 5.90 -8.08 4.61
CA ALA A 84 4.57 -8.55 4.96
C ALA A 84 4.20 -8.09 6.36
N LEU A 85 2.95 -7.62 6.47
CA LEU A 85 2.29 -7.19 7.70
C LEU A 85 2.83 -5.88 8.24
N ALA A 86 3.78 -5.25 7.57
CA ALA A 86 4.13 -3.88 7.92
C ALA A 86 3.07 -2.93 7.39
N GLY A 87 2.91 -1.78 8.06
CA GLY A 87 1.92 -0.81 7.61
C GLY A 87 2.39 0.00 6.42
N GLN A 88 1.73 -0.17 5.27
CA GLN A 88 2.09 0.53 4.04
C GLN A 88 1.14 1.70 3.85
N THR A 89 1.68 2.86 3.48
CA THR A 89 0.85 4.02 3.14
C THR A 89 1.36 4.66 1.87
N CYS A 90 0.44 5.33 1.16
CA CYS A 90 0.79 6.12 -0.01
C CYS A 90 -0.29 7.21 -0.05
N GLY A 91 -0.03 8.31 0.64
CA GLY A 91 -1.05 9.32 0.81
C GLY A 91 -2.27 8.75 1.52
N PRO A 92 -3.45 8.93 0.93
CA PRO A 92 -4.66 8.42 1.59
C PRO A 92 -4.69 6.91 1.73
N LEU A 93 -3.95 6.18 0.90
CA LEU A 93 -4.07 4.72 0.90
C LEU A 93 -3.29 4.11 2.06
N ARG A 94 -3.95 3.24 2.82
CA ARG A 94 -3.31 2.44 3.86
CA ARG A 94 -3.31 2.44 3.86
C ARG A 94 -3.59 0.96 3.57
N TRP A 95 -2.56 0.14 3.58
CA TRP A 95 -2.72 -1.25 3.20
C TRP A 95 -1.64 -2.10 3.84
N THR A 96 -1.85 -3.40 3.83
CA THR A 96 -0.79 -4.35 4.16
C THR A 96 -0.99 -5.60 3.33
N PHE A 97 0.00 -6.48 3.35
CA PHE A 97 -0.10 -7.73 2.63
C PHE A 97 0.49 -8.84 3.47
N CYS A 98 0.13 -10.08 3.14
CA CYS A 98 0.76 -11.23 3.77
C CYS A 98 0.50 -12.50 2.98
N ASP A 99 1.15 -13.57 3.43
CA ASP A 99 1.01 -14.87 2.78
CA ASP A 99 0.98 -14.84 2.74
C ASP A 99 -0.39 -15.42 3.01
N PRO A 100 -0.92 -16.25 2.11
CA PRO A 100 -2.28 -16.75 2.29
C PRO A 100 -2.49 -17.56 3.55
N GLN A 101 -1.46 -18.14 4.14
CA GLN A 101 -1.62 -18.94 5.35
C GLN A 101 -1.58 -18.12 6.63
N ARG A 102 -1.49 -16.80 6.56
CA ARG A 102 -1.46 -15.95 7.74
C ARG A 102 -2.66 -15.00 7.76
N SER A 103 -2.97 -14.50 8.95
CA SER A 103 -4.12 -13.63 9.17
C SER A 103 -3.68 -12.17 9.21
N PHE A 104 -4.59 -11.29 8.75
CA PHE A 104 -4.37 -9.85 8.87
C PHE A 104 -4.77 -9.37 10.26
N PRO A 105 -4.07 -8.36 10.79
CA PRO A 105 -4.56 -7.68 11.99
C PRO A 105 -5.83 -6.91 11.70
N GLU A 106 -6.72 -6.86 12.69
CA GLU A 106 -7.95 -6.10 12.53
C GLU A 106 -7.66 -4.61 12.39
N ARG A 107 -6.64 -4.12 13.08
CA ARG A 107 -6.29 -2.71 13.04
C ARG A 107 -5.02 -2.53 12.22
N PHE A 108 -4.97 -1.41 11.51
CA PHE A 108 -3.78 -1.09 10.74
C PHE A 108 -2.57 -1.02 11.67
N PRO A 109 -1.42 -1.57 11.25
CA PRO A 109 -0.24 -1.55 12.12
C PRO A 109 0.17 -0.15 12.54
N GLU A 110 0.28 0.07 13.84
CA GLU A 110 0.79 1.35 14.32
C GLU A 110 2.31 1.36 14.21
N ALA A 111 2.85 2.55 13.93
CA ALA A 111 4.29 2.73 13.80
C ALA A 111 4.80 3.75 14.82
N GLU A 112 6.05 3.57 15.23
CA GLU A 112 6.75 4.54 16.06
C GLU A 112 7.33 5.62 15.15
N VAL A 113 6.79 6.83 15.21
CA VAL A 113 7.26 7.96 14.42
C VAL A 113 7.96 8.94 15.36
N GLN A 114 9.13 9.44 14.95
CA GLN A 114 9.83 10.43 15.75
C GLN A 114 9.00 11.70 15.90
N THR A 115 9.18 12.36 17.03
CA THR A 115 8.48 13.60 17.32
C THR A 115 8.95 14.72 16.43
N ALA A 116 8.01 15.50 15.93
CA ALA A 116 8.34 16.62 15.06
C ALA A 116 8.84 17.82 15.86
N PRO A 117 9.80 18.57 15.32
CA PRO A 117 10.11 19.89 15.87
C PRO A 117 9.01 20.86 15.49
N VAL A 118 8.84 21.88 16.33
CA VAL A 118 7.83 22.90 16.14
C VAL A 118 8.47 24.26 16.40
N ARG A 119 7.89 25.31 15.82
CA ARG A 119 8.42 26.65 16.00
C ARG A 119 7.26 27.63 16.03
N ARG A 120 7.07 28.29 17.16
CA ARG A 120 5.98 29.23 17.33
C ARG A 120 6.18 30.42 16.39
N LYS A 121 5.11 30.85 15.75
CA LYS A 121 5.10 32.04 14.91
C LYS A 121 4.57 33.24 15.69
N SER A 122 5.05 34.42 15.34
CA SER A 122 4.61 35.65 15.99
C SER A 122 4.83 36.84 15.08
#